data_6Y37
#
_entry.id   6Y37
#
_cell.length_a   65.680
_cell.length_b   72.010
_cell.length_c   148.450
_cell.angle_alpha   90.000
_cell.angle_beta   90.000
_cell.angle_gamma   90.000
#
_symmetry.space_group_name_H-M   'P 21 21 21'
#
loop_
_entity.id
_entity.type
_entity.pdbx_description
1 polymer HapB
2 polymer 'Transcription factor HapC (Eurofung)'
3 polymer 'CBFD_NFYB_HMF domain-containing protein'
4 polymer 'DNA (25-MER)'
5 polymer 'DNA (25-MER)'
6 non-polymer GLYCEROL
7 water water
#
loop_
_entity_poly.entity_id
_entity_poly.type
_entity_poly.pdbx_seq_one_letter_code
_entity_poly.pdbx_strand_id
1 'polypeptide(L)' MESPLYVNAKQFHRILKRRVARQKLEEQLRLTSKGRKPYLHESRHNHAMRRPRGPGGRFLTADE A
2 'polypeptide(L)'
;MKEQDRWLPIANVARIMKLALPENAKIAKEAKECMQECVSEFISFITSEASEKCQQEKRKTVNGEDILFAMTSLGFENYA
EALKIYLSKYRE
;
B
3 'polypeptide(L)'
;MGTWANVNQGLQGTARDILTTYWQHVINHLESDNHDYKIHQLPLARIKKVMKADPEVKMISAEAPILFAKGCDVFITELT
MRAWIHAEDNKRRTLQRSDIAAALSKSDMFDFLIDIVPR
;
C
4 'polydeoxyribonucleotide'
;(DT)(DT)(DT)(DC)(DA)(DC)(DT)(DT)(DC)(DG)(DC)(DT)(DC)(DT)(DG)(DA)(DT)(DT)(DG)(DG)
(DC)(DT)(DC)(DG)(DG)
;
D
5 'polydeoxyribonucleotide'
;(DA)(DA)(DC)(DC)(DG)(DA)(DG)(DC)(DC)(DA)(DA)(DT)(DC)(DA)(DG)(DA)(DG)(DC)(DG)(DA)
(DA)(DG)(DT)(DG)(DA)
;
E
#
loop_
_chem_comp.id
_chem_comp.type
_chem_comp.name
_chem_comp.formula
DA DNA linking 2'-DEOXYADENOSINE-5'-MONOPHOSPHATE 'C10 H14 N5 O6 P'
DC DNA linking 2'-DEOXYCYTIDINE-5'-MONOPHOSPHATE 'C9 H14 N3 O7 P'
DG DNA linking 2'-DEOXYGUANOSINE-5'-MONOPHOSPHATE 'C10 H14 N5 O7 P'
DT DNA linking THYMIDINE-5'-MONOPHOSPHATE 'C10 H15 N2 O8 P'
GOL non-polymer GLYCEROL 'C3 H8 O3'
#
# COMPACT_ATOMS: atom_id res chain seq x y z
N GLU A 2 -15.80 13.63 11.51
CA GLU A 2 -16.51 12.48 12.15
C GLU A 2 -15.49 11.40 12.51
N SER A 3 -15.15 11.29 13.80
CA SER A 3 -14.17 10.31 14.37
C SER A 3 -14.92 9.33 15.28
N PRO A 4 -14.80 8.00 15.05
CA PRO A 4 -15.45 7.01 15.90
C PRO A 4 -14.66 6.77 17.19
N LEU A 5 -15.33 6.39 18.28
CA LEU A 5 -14.66 6.05 19.56
C LEU A 5 -14.01 4.66 19.41
N TYR A 6 -14.76 3.71 18.86
CA TYR A 6 -14.31 2.30 18.66
C TYR A 6 -14.08 2.04 17.16
N VAL A 7 -12.83 1.70 16.82
CA VAL A 7 -12.42 1.23 15.47
C VAL A 7 -12.09 -0.27 15.58
N ASN A 8 -11.66 -0.88 14.48
CA ASN A 8 -11.21 -2.30 14.38
C ASN A 8 -10.39 -2.65 15.62
N ALA A 9 -10.89 -3.59 16.43
CA ALA A 9 -10.31 -4.00 17.73
C ALA A 9 -8.89 -4.55 17.55
N LYS A 10 -8.62 -5.20 16.42
CA LYS A 10 -7.28 -5.80 16.12
C LYS A 10 -6.27 -4.70 15.77
N GLN A 11 -6.74 -3.52 15.34
CA GLN A 11 -5.88 -2.44 14.79
C GLN A 11 -5.72 -1.26 15.76
N PHE A 12 -6.66 -1.04 16.68
CA PHE A 12 -6.77 0.21 17.49
C PHE A 12 -5.43 0.54 18.17
N HIS A 13 -4.82 -0.43 18.85
CA HIS A 13 -3.61 -0.22 19.69
C HIS A 13 -2.40 0.12 18.81
N ARG A 14 -2.25 -0.56 17.66
CA ARG A 14 -1.17 -0.27 16.69
C ARG A 14 -1.40 1.11 16.08
N ILE A 15 -2.66 1.50 15.85
CA ILE A 15 -3.04 2.85 15.32
C ILE A 15 -2.54 3.94 16.27
N LEU A 16 -2.79 3.79 17.57
CA LEU A 16 -2.32 4.74 18.62
C LEU A 16 -0.79 4.84 18.55
N LYS A 17 -0.10 3.70 18.58
CA LYS A 17 1.40 3.63 18.54
C LYS A 17 1.94 4.27 17.25
N ARG A 18 1.24 4.11 16.12
CA ARG A 18 1.64 4.72 14.83
C ARG A 18 1.44 6.24 14.89
N ARG A 19 0.38 6.71 15.57
CA ARG A 19 0.13 8.17 15.77
C ARG A 19 1.30 8.77 16.54
N VAL A 20 1.76 8.10 17.60
CA VAL A 20 2.93 8.51 18.43
C VAL A 20 4.18 8.53 17.53
N ALA A 21 4.38 7.47 16.74
CA ALA A 21 5.57 7.27 15.87
C ALA A 21 5.62 8.36 14.78
N ARG A 22 4.47 8.68 14.17
CA ARG A 22 4.36 9.71 13.09
C ARG A 22 4.56 11.10 13.69
N GLN A 23 4.11 11.33 14.94
CA GLN A 23 4.29 12.61 15.66
C GLN A 23 5.79 12.85 15.89
N LYS A 24 6.54 11.81 16.25
CA LYS A 24 8.00 11.90 16.54
C LYS A 24 8.77 12.16 15.24
N LEU A 25 8.37 11.53 14.12
CA LEU A 25 8.96 11.79 12.78
C LEU A 25 8.57 13.21 12.32
N GLU A 26 7.38 13.68 12.70
CA GLU A 26 6.89 15.05 12.38
C GLU A 26 7.71 16.09 13.16
N GLU A 27 8.12 15.78 14.39
CA GLU A 27 8.93 16.69 15.25
C GLU A 27 10.34 16.82 14.68
N GLN A 28 10.98 15.71 14.31
CA GLN A 28 12.43 15.65 13.97
C GLN A 28 12.65 15.97 12.48
N LEU A 29 11.77 15.51 11.58
CA LEU A 29 11.93 15.69 10.10
C LEU A 29 10.88 16.65 9.53
N ARG A 30 9.80 16.96 10.25
CA ARG A 30 8.70 17.86 9.80
C ARG A 30 8.01 17.27 8.56
N LEU A 31 8.10 15.95 8.33
CA LEU A 31 7.71 15.33 7.04
C LEU A 31 6.18 15.29 6.87
N THR A 32 5.41 15.16 7.96
CA THR A 32 3.93 15.01 7.91
C THR A 32 3.34 16.28 7.30
N SER A 33 4.04 17.42 7.46
CA SER A 33 3.56 18.77 7.06
C SER A 33 4.47 19.42 6.00
N LYS A 34 5.53 18.74 5.53
CA LYS A 34 6.51 19.33 4.57
C LYS A 34 5.76 19.76 3.30
N GLY A 35 4.84 18.93 2.81
CA GLY A 35 4.13 19.14 1.53
C GLY A 35 4.95 18.59 0.37
N ARG A 36 4.41 18.65 -0.84
CA ARG A 36 5.04 18.07 -2.06
C ARG A 36 5.69 19.18 -2.88
N LYS A 37 6.95 18.99 -3.27
CA LYS A 37 7.70 19.90 -4.18
C LYS A 37 7.08 19.80 -5.56
N PRO A 38 7.05 20.91 -6.36
CA PRO A 38 6.58 20.83 -7.74
C PRO A 38 7.30 19.72 -8.53
N TYR A 39 8.61 19.56 -8.31
CA TYR A 39 9.45 18.47 -8.85
C TYR A 39 10.52 18.10 -7.81
N LEU A 40 11.00 16.85 -7.86
CA LEU A 40 12.00 16.30 -6.91
C LEU A 40 13.41 16.76 -7.30
N HIS A 41 13.77 16.68 -8.58
CA HIS A 41 15.17 16.81 -9.08
C HIS A 41 15.30 17.97 -10.07
N GLU A 42 16.27 18.85 -9.83
CA GLU A 42 16.61 20.02 -10.68
C GLU A 42 17.10 19.53 -12.05
N SER A 43 17.95 18.49 -12.06
CA SER A 43 18.57 17.90 -13.27
C SER A 43 17.48 17.33 -14.20
N ARG A 44 16.52 16.60 -13.64
CA ARG A 44 15.41 15.95 -14.39
C ARG A 44 14.38 17.01 -14.83
N HIS A 45 14.23 18.08 -14.05
CA HIS A 45 13.37 19.25 -14.38
C HIS A 45 13.94 19.95 -15.62
N ASN A 46 15.19 20.42 -15.54
CA ASN A 46 15.91 21.13 -16.63
C ASN A 46 15.90 20.25 -17.88
N HIS A 47 16.16 18.94 -17.73
CA HIS A 47 16.05 17.93 -18.82
C HIS A 47 14.68 18.11 -19.51
N ALA A 48 13.59 17.88 -18.78
CA ALA A 48 12.19 17.94 -19.27
C ALA A 48 11.90 19.29 -19.92
N MET A 49 12.40 20.39 -19.35
CA MET A 49 12.17 21.78 -19.83
C MET A 49 12.82 21.98 -21.21
N ARG A 50 14.06 21.53 -21.38
CA ARG A 50 14.89 21.78 -22.60
C ARG A 50 14.51 20.81 -23.74
N ARG A 51 14.05 19.61 -23.40
CA ARG A 51 13.83 18.50 -24.38
C ARG A 51 13.10 19.03 -25.61
N PRO A 52 13.46 18.55 -26.83
CA PRO A 52 12.68 18.86 -28.03
C PRO A 52 11.25 18.35 -27.87
N ARG A 53 10.26 19.19 -28.14
CA ARG A 53 8.81 18.87 -27.98
C ARG A 53 8.09 18.98 -29.32
N GLY A 54 7.04 18.18 -29.51
CA GLY A 54 6.11 18.26 -30.65
C GLY A 54 5.19 19.48 -30.51
N PRO A 55 4.32 19.74 -31.52
CA PRO A 55 3.40 20.87 -31.45
C PRO A 55 2.31 20.70 -30.37
N GLY A 56 2.02 19.45 -29.99
CA GLY A 56 1.03 19.09 -28.95
C GLY A 56 1.61 19.12 -27.55
N GLY A 57 2.87 19.55 -27.40
CA GLY A 57 3.57 19.71 -26.10
C GLY A 57 4.21 18.42 -25.63
N ARG A 58 4.10 17.34 -26.42
CA ARG A 58 4.67 16.00 -26.10
C ARG A 58 6.18 16.02 -26.37
N PHE A 59 6.92 15.14 -25.72
CA PHE A 59 8.34 14.83 -26.02
C PHE A 59 8.38 14.10 -27.38
N LEU A 60 9.34 14.46 -28.24
CA LEU A 60 9.34 14.07 -29.68
C LEU A 60 9.78 12.60 -29.85
N THR A 61 9.33 11.98 -30.93
CA THR A 61 9.74 10.63 -31.41
C THR A 61 11.13 10.73 -32.03
N LYS B 2 15.25 12.34 1.56
CA LYS B 2 14.42 11.49 2.48
C LYS B 2 12.93 11.73 2.23
N GLU B 3 12.54 12.95 1.84
CA GLU B 3 11.13 13.34 1.61
C GLU B 3 10.49 12.46 0.53
N GLN B 4 11.25 12.10 -0.52
CA GLN B 4 10.77 11.17 -1.58
C GLN B 4 10.83 9.72 -1.08
N ASP B 5 11.68 9.44 -0.09
CA ASP B 5 11.96 8.07 0.44
C ASP B 5 10.86 7.58 1.39
N ARG B 6 9.97 8.46 1.88
CA ARG B 6 8.92 8.06 2.85
C ARG B 6 7.74 7.41 2.10
N TRP B 7 7.75 7.44 0.77
CA TRP B 7 6.74 6.77 -0.09
C TRP B 7 7.45 5.89 -1.14
N LEU B 8 6.69 4.95 -1.71
CA LEU B 8 7.09 4.19 -2.93
C LEU B 8 6.92 5.12 -4.13
N PRO B 9 7.69 4.93 -5.23
CA PRO B 9 7.63 5.83 -6.39
C PRO B 9 6.20 5.91 -6.94
N ILE B 10 5.72 7.12 -7.25
CA ILE B 10 4.30 7.39 -7.62
C ILE B 10 3.97 6.69 -8.95
N ALA B 11 4.91 6.63 -9.90
CA ALA B 11 4.74 6.01 -11.23
C ALA B 11 4.41 4.53 -11.08
N ASN B 12 5.10 3.83 -10.16
CA ASN B 12 4.89 2.38 -9.88
C ASN B 12 3.49 2.18 -9.28
N VAL B 13 3.11 3.02 -8.32
CA VAL B 13 1.78 2.95 -7.65
C VAL B 13 0.69 3.22 -8.69
N ALA B 14 0.83 4.31 -9.45
CA ALA B 14 -0.15 4.77 -10.46
C ALA B 14 -0.30 3.73 -11.57
N ARG B 15 0.75 2.97 -11.90
CA ARG B 15 0.71 1.91 -12.94
C ARG B 15 -0.19 0.76 -12.45
N ILE B 16 -0.05 0.36 -11.18
CA ILE B 16 -0.83 -0.75 -10.58
C ILE B 16 -2.30 -0.34 -10.52
N MET B 17 -2.58 0.91 -10.15
CA MET B 17 -3.95 1.49 -10.13
C MET B 17 -4.53 1.44 -11.54
N LYS B 18 -3.76 1.90 -12.53
CA LYS B 18 -4.13 1.91 -13.97
C LYS B 18 -4.59 0.52 -14.41
N LEU B 19 -3.81 -0.53 -14.07
CA LEU B 19 -4.10 -1.94 -14.48
C LEU B 19 -5.36 -2.46 -13.76
N ALA B 20 -5.70 -1.89 -12.60
CA ALA B 20 -6.88 -2.27 -11.79
C ALA B 20 -8.17 -1.71 -12.40
N LEU B 21 -8.07 -0.66 -13.24
CA LEU B 21 -9.24 0.09 -13.78
C LEU B 21 -9.47 -0.26 -15.25
N PRO B 22 -10.66 0.07 -15.80
CA PRO B 22 -10.91 -0.07 -17.24
C PRO B 22 -9.98 0.81 -18.09
N GLU B 23 -9.86 0.46 -19.37
CA GLU B 23 -8.94 1.10 -20.36
C GLU B 23 -9.28 2.59 -20.53
N ASN B 24 -10.57 2.95 -20.42
CA ASN B 24 -11.09 4.33 -20.63
C ASN B 24 -10.90 5.18 -19.37
N ALA B 25 -10.59 4.56 -18.21
CA ALA B 25 -10.56 5.23 -16.90
C ALA B 25 -9.36 6.19 -16.80
N LYS B 26 -9.55 7.33 -16.13
CA LYS B 26 -8.47 8.28 -15.75
C LYS B 26 -8.36 8.31 -14.22
N ILE B 27 -7.20 8.72 -13.70
CA ILE B 27 -6.89 8.80 -12.25
C ILE B 27 -6.37 10.21 -11.95
N ALA B 28 -7.05 10.95 -11.08
CA ALA B 28 -6.61 12.27 -10.57
C ALA B 28 -5.25 12.11 -9.88
N LYS B 29 -4.33 13.05 -10.11
CA LYS B 29 -3.04 13.17 -9.39
C LYS B 29 -3.29 13.01 -7.89
N GLU B 30 -4.32 13.70 -7.41
CA GLU B 30 -4.89 13.65 -6.03
C GLU B 30 -4.98 12.20 -5.55
N ALA B 31 -5.60 11.33 -6.34
CA ALA B 31 -5.90 9.91 -6.01
C ALA B 31 -4.60 9.09 -5.99
N LYS B 32 -3.68 9.36 -6.92
CA LYS B 32 -2.36 8.66 -7.01
C LYS B 32 -1.53 8.96 -5.76
N GLU B 33 -1.52 10.21 -5.32
CA GLU B 33 -0.79 10.67 -4.11
C GLU B 33 -1.42 10.04 -2.87
N CYS B 34 -2.76 10.00 -2.81
CA CYS B 34 -3.54 9.37 -1.71
C CYS B 34 -3.15 7.90 -1.60
N MET B 35 -3.24 7.14 -2.71
CA MET B 35 -2.89 5.70 -2.75
C MET B 35 -1.45 5.50 -2.29
N GLN B 36 -0.53 6.35 -2.76
CA GLN B 36 0.91 6.34 -2.40
C GLN B 36 1.05 6.41 -0.87
N GLU B 37 0.29 7.31 -0.23
CA GLU B 37 0.33 7.53 1.25
C GLU B 37 -0.26 6.32 1.97
N CYS B 38 -1.35 5.75 1.44
CA CYS B 38 -2.06 4.56 2.01
C CYS B 38 -1.11 3.35 2.03
N VAL B 39 -0.39 3.12 0.92
CA VAL B 39 0.51 1.95 0.73
C VAL B 39 1.66 2.03 1.73
N SER B 40 2.24 3.21 1.90
CA SER B 40 3.39 3.47 2.82
C SER B 40 2.95 3.24 4.28
N GLU B 41 1.73 3.67 4.64
CA GLU B 41 1.16 3.43 6.00
C GLU B 41 0.94 1.93 6.18
N PHE B 42 0.43 1.24 5.14
CA PHE B 42 0.19 -0.23 5.12
C PHE B 42 1.48 -0.96 5.51
N ILE B 43 2.60 -0.61 4.89
CA ILE B 43 3.94 -1.20 5.15
C ILE B 43 4.35 -0.89 6.61
N SER B 44 4.31 0.39 7.00
CA SER B 44 4.78 0.90 8.31
C SER B 44 3.92 0.33 9.45
N PHE B 45 2.61 0.27 9.26
CA PHE B 45 1.60 -0.23 10.22
C PHE B 45 1.91 -1.70 10.56
N ILE B 46 2.06 -2.53 9.53
CA ILE B 46 2.35 -3.99 9.66
C ILE B 46 3.76 -4.18 10.23
N THR B 47 4.73 -3.41 9.73
CA THR B 47 6.17 -3.49 10.13
C THR B 47 6.31 -3.15 11.62
N SER B 48 5.66 -2.08 12.09
CA SER B 48 5.67 -1.64 13.51
C SER B 48 5.25 -2.80 14.42
N GLU B 49 4.14 -3.47 14.08
CA GLU B 49 3.57 -4.63 14.81
C GLU B 49 4.61 -5.76 14.85
N ALA B 50 5.22 -6.08 13.71
CA ALA B 50 6.26 -7.15 13.60
C ALA B 50 7.50 -6.74 14.40
N SER B 51 7.87 -5.45 14.33
CA SER B 51 9.07 -4.86 14.98
C SER B 51 8.99 -4.99 16.50
N GLU B 52 7.83 -4.67 17.09
CA GLU B 52 7.64 -4.67 18.57
C GLU B 52 7.76 -6.10 19.10
N LYS B 53 7.20 -7.08 18.37
CA LYS B 53 7.25 -8.52 18.74
C LYS B 53 8.69 -9.03 18.69
N CYS B 54 9.48 -8.56 17.71
CA CYS B 54 10.91 -8.91 17.53
C CYS B 54 11.74 -8.35 18.70
N GLN B 55 11.41 -7.13 19.16
CA GLN B 55 12.12 -6.46 20.29
C GLN B 55 11.81 -7.20 21.59
N GLN B 56 10.55 -7.62 21.80
CA GLN B 56 10.08 -8.37 23.00
C GLN B 56 10.79 -9.72 23.09
N GLU B 57 10.96 -10.40 21.95
CA GLU B 57 11.60 -11.76 21.87
C GLU B 57 13.12 -11.62 21.74
N LYS B 58 13.64 -10.38 21.71
CA LYS B 58 15.10 -10.05 21.67
C LYS B 58 15.72 -10.63 20.40
N ARG B 59 15.05 -10.44 19.26
CA ARG B 59 15.53 -10.79 17.90
C ARG B 59 15.77 -9.49 17.12
N LYS B 60 16.97 -9.34 16.54
CA LYS B 60 17.41 -8.11 15.83
C LYS B 60 16.76 -8.03 14.45
N THR B 61 16.39 -9.17 13.86
CA THR B 61 15.97 -9.29 12.43
C THR B 61 14.46 -9.55 12.32
N VAL B 62 13.75 -8.67 11.64
CA VAL B 62 12.35 -8.89 11.16
C VAL B 62 12.42 -9.81 9.93
N ASN B 63 11.71 -10.95 9.96
CA ASN B 63 11.70 -11.95 8.87
C ASN B 63 10.28 -12.05 8.28
N GLY B 64 10.13 -12.84 7.22
CA GLY B 64 8.85 -13.03 6.50
C GLY B 64 7.75 -13.53 7.42
N GLU B 65 8.07 -14.48 8.29
CA GLU B 65 7.11 -15.13 9.22
C GLU B 65 6.54 -14.09 10.19
N ASP B 66 7.36 -13.12 10.61
CA ASP B 66 6.97 -12.01 11.53
C ASP B 66 5.97 -11.10 10.81
N ILE B 67 6.18 -10.84 9.52
CA ILE B 67 5.26 -10.00 8.68
C ILE B 67 3.90 -10.70 8.60
N LEU B 68 3.88 -12.02 8.34
CA LEU B 68 2.64 -12.83 8.21
C LEU B 68 1.89 -12.84 9.55
N PHE B 69 2.61 -13.07 10.65
CA PHE B 69 2.03 -13.07 12.02
C PHE B 69 1.40 -11.71 12.31
N ALA B 70 2.11 -10.62 12.01
CA ALA B 70 1.65 -9.22 12.20
C ALA B 70 0.39 -8.97 11.36
N MET B 71 0.34 -9.49 10.13
CA MET B 71 -0.81 -9.33 9.21
C MET B 71 -2.06 -9.97 9.84
N THR B 72 -1.93 -11.19 10.35
CA THR B 72 -3.03 -11.93 11.04
C THR B 72 -3.50 -11.15 12.27
N SER B 73 -2.57 -10.73 13.13
CA SER B 73 -2.85 -9.98 14.38
C SER B 73 -3.66 -8.71 14.07
N LEU B 74 -3.32 -8.00 13.00
CA LEU B 74 -3.87 -6.66 12.67
C LEU B 74 -5.14 -6.79 11.81
N GLY B 75 -5.63 -8.00 11.56
CA GLY B 75 -6.89 -8.24 10.83
C GLY B 75 -6.69 -8.22 9.31
N PHE B 76 -5.51 -8.60 8.83
CA PHE B 76 -5.23 -8.84 7.39
C PHE B 76 -5.05 -10.35 7.17
N GLU B 77 -5.99 -11.15 7.68
CA GLU B 77 -5.91 -12.64 7.71
C GLU B 77 -5.80 -13.19 6.29
N ASN B 78 -6.55 -12.61 5.34
CA ASN B 78 -6.57 -13.03 3.91
C ASN B 78 -5.17 -12.84 3.30
N TYR B 79 -4.51 -11.72 3.61
CA TYR B 79 -3.14 -11.39 3.13
C TYR B 79 -2.14 -12.42 3.66
N ALA B 80 -2.17 -12.68 4.97
CA ALA B 80 -1.24 -13.60 5.67
C ALA B 80 -1.39 -15.02 5.10
N GLU B 81 -2.63 -15.47 4.92
CA GLU B 81 -2.95 -16.86 4.45
C GLU B 81 -2.50 -17.02 3.00
N ALA B 82 -2.76 -16.03 2.15
CA ALA B 82 -2.40 -16.03 0.71
C ALA B 82 -0.88 -16.01 0.53
N LEU B 83 -0.16 -15.25 1.37
CA LEU B 83 1.31 -15.04 1.27
C LEU B 83 2.08 -16.18 1.97
N LYS B 84 1.40 -17.01 2.76
CA LYS B 84 2.03 -18.10 3.55
C LYS B 84 2.70 -19.10 2.60
N ILE B 85 1.97 -19.58 1.60
CA ILE B 85 2.48 -20.51 0.55
C ILE B 85 3.64 -19.83 -0.19
N TYR B 86 3.51 -18.53 -0.48
CA TYR B 86 4.50 -17.72 -1.25
C TYR B 86 5.83 -17.68 -0.49
N LEU B 87 5.80 -17.55 0.84
CA LEU B 87 7.02 -17.48 1.70
C LEU B 87 7.73 -18.84 1.70
N SER B 88 6.98 -19.93 1.90
CA SER B 88 7.53 -21.30 2.03
C SER B 88 8.22 -21.72 0.73
N LYS B 89 7.68 -21.29 -0.42
CA LYS B 89 8.24 -21.57 -1.77
C LYS B 89 9.50 -20.72 -2.01
N TYR B 90 9.56 -19.52 -1.45
CA TYR B 90 10.76 -18.63 -1.50
C TYR B 90 11.90 -19.26 -0.70
N ARG B 91 11.57 -19.87 0.44
CA ARG B 91 12.57 -20.41 1.42
C ARG B 91 13.19 -21.72 0.91
N GLU B 92 12.49 -22.46 0.04
CA GLU B 92 12.97 -23.76 -0.49
C GLU B 92 13.88 -23.51 -1.70
N GLY C 2 -14.84 -15.91 8.06
CA GLY C 2 -13.53 -16.45 8.52
C GLY C 2 -12.35 -15.74 7.88
N THR C 3 -11.34 -16.50 7.43
CA THR C 3 -10.04 -16.02 6.89
C THR C 3 -10.26 -15.07 5.71
N TRP C 4 -11.29 -15.29 4.90
CA TRP C 4 -11.51 -14.60 3.60
C TRP C 4 -12.62 -13.55 3.70
N ALA C 5 -13.07 -13.20 4.90
CA ALA C 5 -14.18 -12.24 5.16
C ALA C 5 -13.83 -10.87 4.55
N ASN C 6 -12.56 -10.47 4.59
CA ASN C 6 -12.06 -9.14 4.15
C ASN C 6 -12.23 -8.95 2.63
N VAL C 7 -12.26 -10.04 1.86
CA VAL C 7 -12.35 -10.03 0.37
C VAL C 7 -13.65 -9.32 -0.05
N ASN C 8 -14.77 -9.71 0.56
CA ASN C 8 -16.15 -9.29 0.17
C ASN C 8 -16.69 -8.22 1.14
N GLN C 9 -16.01 -7.98 2.26
CA GLN C 9 -16.50 -7.11 3.36
C GLN C 9 -16.96 -5.76 2.78
N GLY C 10 -18.24 -5.45 2.93
CA GLY C 10 -18.84 -4.13 2.63
C GLY C 10 -19.24 -3.97 1.19
N LEU C 11 -19.12 -5.02 0.37
CA LEU C 11 -19.39 -4.99 -1.09
C LEU C 11 -20.73 -5.66 -1.39
N GLN C 12 -21.39 -5.23 -2.46
CA GLN C 12 -22.76 -5.66 -2.87
C GLN C 12 -22.77 -6.03 -4.35
N GLY C 13 -23.59 -7.03 -4.71
CA GLY C 13 -23.89 -7.43 -6.10
C GLY C 13 -22.64 -7.86 -6.87
N THR C 14 -22.45 -7.30 -8.07
CA THR C 14 -21.38 -7.69 -9.02
C THR C 14 -20.01 -7.49 -8.38
N ALA C 15 -19.82 -6.39 -7.65
CA ALA C 15 -18.53 -6.02 -7.01
C ALA C 15 -18.01 -7.20 -6.17
N ARG C 16 -18.89 -7.88 -5.42
CA ARG C 16 -18.55 -9.04 -4.55
C ARG C 16 -17.90 -10.14 -5.38
N ASP C 17 -18.57 -10.54 -6.48
CA ASP C 17 -18.11 -11.62 -7.39
C ASP C 17 -16.73 -11.26 -7.95
N ILE C 18 -16.54 -10.02 -8.41
CA ILE C 18 -15.31 -9.55 -9.10
C ILE C 18 -14.14 -9.55 -8.10
N LEU C 19 -14.33 -9.02 -6.88
CA LEU C 19 -13.24 -8.97 -5.87
C LEU C 19 -12.90 -10.40 -5.42
N THR C 20 -13.90 -11.26 -5.25
CA THR C 20 -13.70 -12.69 -4.88
C THR C 20 -12.89 -13.39 -5.98
N THR C 21 -13.24 -13.15 -7.25
CA THR C 21 -12.56 -13.75 -8.42
C THR C 21 -11.12 -13.23 -8.48
N TYR C 22 -10.91 -11.93 -8.21
CA TYR C 22 -9.56 -11.31 -8.19
C TYR C 22 -8.70 -12.00 -7.12
N TRP C 23 -9.24 -12.21 -5.92
CA TRP C 23 -8.51 -12.83 -4.78
C TRP C 23 -8.19 -14.30 -5.08
N GLN C 24 -9.10 -15.02 -5.75
CA GLN C 24 -8.87 -16.41 -6.23
C GLN C 24 -7.73 -16.41 -7.26
N HIS C 25 -7.66 -15.36 -8.10
CA HIS C 25 -6.58 -15.14 -9.09
C HIS C 25 -5.24 -14.89 -8.37
N VAL C 26 -5.25 -14.07 -7.31
CA VAL C 26 -4.04 -13.79 -6.47
C VAL C 26 -3.58 -15.09 -5.81
N ILE C 27 -4.50 -15.84 -5.19
CA ILE C 27 -4.19 -17.09 -4.45
C ILE C 27 -3.55 -18.09 -5.41
N ASN C 28 -4.14 -18.30 -6.60
CA ASN C 28 -3.64 -19.21 -7.65
C ASN C 28 -2.20 -18.81 -8.03
N HIS C 29 -1.95 -17.50 -8.19
CA HIS C 29 -0.62 -16.95 -8.56
C HIS C 29 0.41 -17.25 -7.45
N LEU C 30 0.05 -16.98 -6.19
CA LEU C 30 0.96 -17.13 -5.02
C LEU C 30 1.23 -18.62 -4.75
N GLU C 31 0.32 -19.50 -5.18
CA GLU C 31 0.43 -20.98 -5.02
C GLU C 31 1.25 -21.60 -6.16
N SER C 32 1.54 -20.84 -7.22
CA SER C 32 2.24 -21.32 -8.44
C SER C 32 3.71 -21.65 -8.11
N ASP C 33 4.34 -22.52 -8.91
CA ASP C 33 5.58 -23.25 -8.53
C ASP C 33 6.85 -22.62 -9.14
N ASN C 34 6.73 -21.70 -10.10
CA ASN C 34 7.88 -21.15 -10.85
C ASN C 34 7.83 -19.62 -10.82
N HIS C 35 8.03 -19.02 -9.65
CA HIS C 35 8.16 -17.55 -9.46
C HIS C 35 9.58 -17.10 -9.83
N ASP C 36 9.68 -15.96 -10.51
CA ASP C 36 10.94 -15.17 -10.66
C ASP C 36 10.88 -14.02 -9.65
N TYR C 37 11.68 -14.10 -8.58
CA TYR C 37 11.65 -13.15 -7.42
C TYR C 37 12.46 -11.88 -7.75
N LYS C 38 12.77 -11.66 -9.03
CA LYS C 38 13.39 -10.40 -9.53
C LYS C 38 12.34 -9.56 -10.27
N ILE C 39 11.15 -10.12 -10.52
CA ILE C 39 10.01 -9.43 -11.20
C ILE C 39 8.98 -8.98 -10.15
N HIS C 40 8.89 -7.66 -9.92
N HIS C 40 8.78 -7.67 -10.04
CA HIS C 40 7.86 -6.99 -9.09
CA HIS C 40 7.83 -7.02 -9.12
C HIS C 40 7.50 -5.64 -9.73
C HIS C 40 7.54 -5.60 -9.62
N GLN C 41 6.29 -5.14 -9.47
CA GLN C 41 5.85 -3.79 -9.92
C GLN C 41 6.53 -2.71 -9.05
N LEU C 42 6.81 -3.02 -7.78
CA LEU C 42 7.37 -2.06 -6.79
C LEU C 42 8.82 -2.42 -6.49
N PRO C 43 9.72 -1.42 -6.34
CA PRO C 43 11.13 -1.69 -6.03
C PRO C 43 11.31 -2.13 -4.57
N LEU C 44 12.10 -3.18 -4.35
CA LEU C 44 12.32 -3.80 -3.01
C LEU C 44 13.06 -2.81 -2.09
N ALA C 45 14.03 -2.06 -2.63
CA ALA C 45 14.88 -1.10 -1.90
C ALA C 45 14.02 0.00 -1.27
N ARG C 46 12.96 0.44 -1.97
CA ARG C 46 12.08 1.55 -1.51
C ARG C 46 11.13 1.02 -0.42
N ILE C 47 10.63 -0.21 -0.57
CA ILE C 47 9.82 -0.90 0.48
C ILE C 47 10.68 -1.00 1.75
N LYS C 48 11.94 -1.42 1.60
CA LYS C 48 12.89 -1.63 2.72
C LYS C 48 13.18 -0.29 3.41
N LYS C 49 13.30 0.80 2.65
CA LYS C 49 13.55 2.17 3.18
C LYS C 49 12.36 2.64 4.01
N VAL C 50 11.13 2.35 3.57
CA VAL C 50 9.87 2.72 4.30
C VAL C 50 9.87 1.99 5.65
N MET C 51 10.23 0.71 5.66
CA MET C 51 10.33 -0.12 6.90
C MET C 51 11.38 0.49 7.83
N LYS C 52 12.51 0.93 7.28
CA LYS C 52 13.69 1.45 8.04
C LYS C 52 13.44 2.87 8.54
N ALA C 53 12.36 3.53 8.08
CA ALA C 53 11.91 4.85 8.60
C ALA C 53 11.55 4.73 10.09
N ASP C 54 11.15 3.53 10.53
CA ASP C 54 10.85 3.20 11.94
C ASP C 54 12.17 2.94 12.67
N PRO C 55 12.54 3.76 13.70
CA PRO C 55 13.79 3.56 14.43
C PRO C 55 13.80 2.30 15.31
N GLU C 56 12.63 1.73 15.59
CA GLU C 56 12.47 0.44 16.34
C GLU C 56 12.98 -0.72 15.49
N VAL C 57 12.88 -0.61 14.15
CA VAL C 57 13.37 -1.65 13.20
C VAL C 57 14.90 -1.57 13.13
N LYS C 58 15.57 -2.71 13.22
CA LYS C 58 17.06 -2.81 13.18
C LYS C 58 17.47 -3.46 11.85
N MET C 59 17.36 -4.79 11.78
CA MET C 59 17.76 -5.59 10.58
C MET C 59 16.49 -6.20 9.96
N ILE C 60 16.47 -6.30 8.64
CA ILE C 60 15.31 -6.83 7.85
C ILE C 60 15.83 -7.95 6.93
N SER C 61 15.26 -9.15 7.05
CA SER C 61 15.45 -10.28 6.11
C SER C 61 14.94 -9.87 4.73
N ALA C 62 15.62 -10.32 3.66
CA ALA C 62 15.21 -10.10 2.26
C ALA C 62 13.76 -10.58 2.06
N GLU C 63 13.30 -11.52 2.89
CA GLU C 63 11.93 -12.11 2.83
C GLU C 63 10.85 -11.03 2.98
N ALA C 64 11.07 -10.02 3.83
CA ALA C 64 10.03 -9.06 4.26
C ALA C 64 9.65 -8.14 3.09
N PRO C 65 10.60 -7.41 2.45
CA PRO C 65 10.27 -6.61 1.27
C PRO C 65 9.70 -7.44 0.11
N ILE C 66 10.11 -8.71 -0.01
CA ILE C 66 9.59 -9.67 -1.04
C ILE C 66 8.09 -9.87 -0.79
N LEU C 67 7.68 -10.14 0.45
CA LEU C 67 6.26 -10.34 0.84
C LEU C 67 5.48 -9.04 0.61
N PHE C 68 6.06 -7.89 0.97
CA PHE C 68 5.43 -6.56 0.84
C PHE C 68 5.23 -6.19 -0.63
N ALA C 69 6.25 -6.41 -1.48
CA ALA C 69 6.17 -6.16 -2.94
C ALA C 69 4.85 -6.74 -3.44
N LYS C 70 4.60 -8.01 -3.13
CA LYS C 70 3.39 -8.78 -3.53
C LYS C 70 2.16 -8.24 -2.80
N GLY C 71 2.25 -8.12 -1.47
CA GLY C 71 1.13 -7.66 -0.60
C GLY C 71 0.64 -6.29 -1.02
N CYS C 72 1.57 -5.37 -1.30
CA CYS C 72 1.28 -3.95 -1.66
C CYS C 72 0.58 -3.89 -3.02
N ASP C 73 0.98 -4.73 -3.98
CA ASP C 73 0.33 -4.89 -5.31
C ASP C 73 -1.15 -5.23 -5.09
N VAL C 74 -1.43 -6.27 -4.31
CA VAL C 74 -2.81 -6.76 -4.00
C VAL C 74 -3.58 -5.62 -3.32
N PHE C 75 -2.96 -4.93 -2.35
CA PHE C 75 -3.57 -3.81 -1.60
C PHE C 75 -3.99 -2.71 -2.58
N ILE C 76 -3.02 -2.18 -3.34
CA ILE C 76 -3.28 -1.08 -4.33
C ILE C 76 -4.40 -1.51 -5.27
N THR C 77 -4.39 -2.77 -5.73
CA THR C 77 -5.33 -3.28 -6.76
C THR C 77 -6.74 -3.34 -6.17
N GLU C 78 -6.93 -3.98 -5.01
CA GLU C 78 -8.28 -4.22 -4.43
C GLU C 78 -8.89 -2.89 -3.97
N LEU C 79 -8.08 -1.96 -3.45
CA LEU C 79 -8.56 -0.63 -2.98
C LEU C 79 -8.97 0.23 -4.19
N THR C 80 -8.18 0.18 -5.27
CA THR C 80 -8.47 0.92 -6.54
C THR C 80 -9.77 0.38 -7.13
N MET C 81 -9.95 -0.95 -7.15
CA MET C 81 -11.16 -1.63 -7.67
C MET C 81 -12.36 -1.27 -6.78
N ARG C 82 -12.17 -1.24 -5.46
CA ARG C 82 -13.22 -0.83 -4.48
C ARG C 82 -13.58 0.65 -4.72
N ALA C 83 -12.58 1.51 -4.92
CA ALA C 83 -12.75 2.96 -5.13
C ALA C 83 -13.50 3.23 -6.45
N TRP C 84 -13.21 2.46 -7.50
CA TRP C 84 -13.82 2.63 -8.85
C TRP C 84 -15.35 2.54 -8.74
N ILE C 85 -15.87 1.69 -7.86
CA ILE C 85 -17.34 1.51 -7.62
C ILE C 85 -17.99 2.87 -7.45
N HIS C 86 -17.36 3.78 -6.70
CA HIS C 86 -17.91 5.10 -6.31
C HIS C 86 -17.84 6.08 -7.49
N ALA C 87 -16.80 5.99 -8.32
CA ALA C 87 -16.67 6.74 -9.59
C ALA C 87 -17.81 6.35 -10.53
N GLU C 88 -18.09 5.04 -10.65
CA GLU C 88 -19.18 4.48 -11.49
C GLU C 88 -20.54 4.93 -10.94
N ASP C 89 -20.70 4.91 -9.61
CA ASP C 89 -21.94 5.35 -8.91
C ASP C 89 -22.27 6.81 -9.30
N ASN C 90 -21.24 7.66 -9.44
CA ASN C 90 -21.39 9.11 -9.74
C ASN C 90 -21.20 9.36 -11.24
N LYS C 91 -21.17 8.30 -12.06
CA LYS C 91 -21.07 8.38 -13.55
C LYS C 91 -19.84 9.21 -13.95
N ARG C 92 -18.70 8.94 -13.31
CA ARG C 92 -17.40 9.60 -13.60
C ARG C 92 -16.43 8.56 -14.17
N ARG C 93 -15.61 8.98 -15.13
CA ARG C 93 -14.54 8.15 -15.76
C ARG C 93 -13.20 8.41 -15.05
N THR C 94 -13.13 9.44 -14.20
CA THR C 94 -11.90 9.85 -13.46
C THR C 94 -12.04 9.44 -11.99
N LEU C 95 -11.08 8.66 -11.48
CA LEU C 95 -10.99 8.29 -10.04
C LEU C 95 -10.46 9.51 -9.27
N GLN C 96 -11.17 9.91 -8.21
CA GLN C 96 -10.82 11.06 -7.33
C GLN C 96 -10.46 10.54 -5.94
N ARG C 97 -9.81 11.38 -5.12
CA ARG C 97 -9.43 11.07 -3.72
C ARG C 97 -10.68 10.61 -2.94
N SER C 98 -11.82 11.27 -3.16
CA SER C 98 -13.11 11.00 -2.46
C SER C 98 -13.59 9.57 -2.72
N ASP C 99 -13.28 9.00 -3.89
CA ASP C 99 -13.64 7.60 -4.26
C ASP C 99 -12.89 6.62 -3.35
N ILE C 100 -11.61 6.87 -3.09
CA ILE C 100 -10.77 6.05 -2.17
C ILE C 100 -11.33 6.19 -0.76
N ALA C 101 -11.60 7.43 -0.31
CA ALA C 101 -12.14 7.73 1.04
C ALA C 101 -13.45 6.96 1.25
N ALA C 102 -14.36 6.99 0.26
CA ALA C 102 -15.65 6.28 0.28
C ALA C 102 -15.42 4.77 0.39
N ALA C 103 -14.44 4.23 -0.35
CA ALA C 103 -14.09 2.78 -0.36
C ALA C 103 -13.59 2.34 1.02
N LEU C 104 -12.72 3.14 1.65
CA LEU C 104 -12.12 2.83 2.98
C LEU C 104 -13.24 2.63 4.02
N SER C 105 -14.35 3.37 3.91
CA SER C 105 -15.47 3.41 4.89
C SER C 105 -16.29 2.11 4.89
N LYS C 106 -16.09 1.22 3.92
CA LYS C 106 -16.94 0.02 3.71
C LYS C 106 -16.41 -1.18 4.51
N SER C 107 -15.12 -1.20 4.84
CA SER C 107 -14.46 -2.32 5.57
C SER C 107 -13.60 -1.77 6.71
N ASP C 108 -13.74 -2.37 7.90
CA ASP C 108 -12.97 -2.00 9.12
C ASP C 108 -11.50 -2.43 8.95
N MET C 109 -11.21 -3.26 7.94
CA MET C 109 -9.81 -3.62 7.54
C MET C 109 -9.01 -2.34 7.26
N PHE C 110 -9.67 -1.27 6.84
CA PHE C 110 -9.03 0.01 6.40
C PHE C 110 -8.98 1.05 7.52
N ASP C 111 -9.35 0.69 8.76
CA ASP C 111 -9.43 1.65 9.90
C ASP C 111 -8.04 2.25 10.17
N PHE C 112 -6.97 1.49 9.96
CA PHE C 112 -5.55 1.92 10.16
C PHE C 112 -5.21 3.15 9.30
N LEU C 113 -6.06 3.52 8.33
CA LEU C 113 -5.82 4.68 7.41
C LEU C 113 -6.66 5.90 7.84
N ILE C 114 -7.30 5.85 9.01
CA ILE C 114 -8.20 6.94 9.52
C ILE C 114 -7.47 8.29 9.48
N ASP C 115 -6.17 8.34 9.78
CA ASP C 115 -5.38 9.60 9.84
C ASP C 115 -4.80 9.94 8.46
N ILE C 116 -4.53 8.94 7.62
CA ILE C 116 -3.91 9.14 6.28
C ILE C 116 -4.95 9.76 5.35
N VAL C 117 -6.20 9.29 5.43
CA VAL C 117 -7.35 9.81 4.62
C VAL C 117 -8.46 10.21 5.60
N PRO C 118 -8.34 11.38 6.28
CA PRO C 118 -9.31 11.78 7.31
C PRO C 118 -10.75 11.83 6.80
N ARG C 119 -11.70 11.43 7.66
CA ARG C 119 -13.14 11.27 7.35
C ARG C 119 -13.85 12.62 7.53
C1 GOL F . -13.09 -2.20 -10.79
O1 GOL F . -12.64 -2.25 -12.14
C2 GOL F . -14.28 -3.12 -10.56
O2 GOL F . -14.33 -3.49 -9.19
C3 GOL F . -15.60 -2.50 -10.96
O3 GOL F . -16.70 -3.24 -10.46
#